data_1DD3
#
_entry.id   1DD3
#
_cell.length_a   54.330
_cell.length_b   89.130
_cell.length_c   119.630
_cell.angle_alpha   90.00
_cell.angle_beta   90.00
_cell.angle_gamma   90.00
#
_symmetry.space_group_name_H-M   'C 2 2 21'
#
loop_
_entity.id
_entity.type
_entity.pdbx_description
1 polymer '50S RIBOSOMAL PROTEIN L7/L12'
2 polymer '50S RIBOSOMAL PROTEIN L7/L12'
3 water water
#
loop_
_entity_poly.entity_id
_entity_poly.type
_entity_poly.pdbx_seq_one_letter_code
_entity_poly.pdbx_strand_id
1 'polypeptide(L)'
;MTIDEIIEAIEKLTVSELAELVKKLEDKFGVTAAAPVAVAAAPVAGAAAGAAQEEKTEFDVVLKSFGQNKIQVIKVVREI
TGLGLKEAKDLVEKAGSPDAVIKSGVSKEEAEEIKKKLEEAGAEVELK
;
A,B
2 'polypeptide(L)' MTIDEIIEAIEKLTVSELAELVKKLEDKFGVT C,D
#
# COMPACT_ATOMS: atom_id res chain seq x y z
N MET A 1 -13.43 -16.07 13.56
CA MET A 1 -12.52 -15.11 14.22
C MET A 1 -13.24 -14.04 15.00
N THR A 2 -12.53 -13.48 15.96
CA THR A 2 -13.03 -12.40 16.80
C THR A 2 -12.83 -11.09 16.00
N ILE A 3 -13.54 -10.03 16.37
CA ILE A 3 -13.37 -8.74 15.72
C ILE A 3 -11.95 -8.30 16.08
N ASP A 4 -11.63 -8.44 17.37
CA ASP A 4 -10.32 -8.08 17.89
C ASP A 4 -9.27 -8.90 17.13
N GLU A 5 -9.70 -10.10 16.74
CA GLU A 5 -8.89 -11.07 16.03
C GLU A 5 -8.73 -10.67 14.57
N ILE A 6 -9.85 -10.27 13.97
CA ILE A 6 -9.84 -9.81 12.59
C ILE A 6 -8.97 -8.57 12.55
N ILE A 7 -9.13 -7.72 13.56
CA ILE A 7 -8.35 -6.49 13.59
C ILE A 7 -6.88 -6.79 13.71
N GLU A 8 -6.52 -7.79 14.51
CA GLU A 8 -5.11 -8.12 14.67
C GLU A 8 -4.52 -8.64 13.36
N ALA A 9 -5.32 -9.35 12.58
CA ALA A 9 -4.84 -9.88 11.30
C ALA A 9 -4.55 -8.75 10.33
N ILE A 10 -5.44 -7.76 10.30
CA ILE A 10 -5.30 -6.63 9.40
C ILE A 10 -4.05 -5.84 9.74
N GLU A 11 -3.74 -5.72 11.03
CA GLU A 11 -2.54 -5.02 11.46
C GLU A 11 -1.30 -5.80 11.07
N LYS A 12 -1.48 -7.08 10.71
CA LYS A 12 -0.36 -7.90 10.29
C LYS A 12 -0.15 -7.89 8.79
N LEU A 13 -1.07 -7.27 8.06
CA LEU A 13 -0.96 -7.22 6.60
C LEU A 13 0.07 -6.22 6.08
N THR A 14 0.54 -6.45 4.86
CA THR A 14 1.49 -5.54 4.23
C THR A 14 0.67 -4.43 3.57
N VAL A 15 1.32 -3.34 3.21
CA VAL A 15 0.62 -2.27 2.54
C VAL A 15 -0.07 -2.84 1.31
N SER A 16 0.64 -3.68 0.58
CA SER A 16 0.07 -4.25 -0.62
C SER A 16 -1.11 -5.13 -0.36
N GLU A 17 -1.04 -5.90 0.72
CA GLU A 17 -2.15 -6.79 1.07
C GLU A 17 -3.41 -5.99 1.45
N LEU A 18 -3.23 -4.96 2.28
CA LEU A 18 -4.35 -4.12 2.70
C LEU A 18 -4.97 -3.49 1.48
N ALA A 19 -4.11 -2.99 0.58
CA ALA A 19 -4.55 -2.37 -0.67
C ALA A 19 -5.38 -3.33 -1.49
N GLU A 20 -4.91 -4.56 -1.62
CA GLU A 20 -5.65 -5.57 -2.38
C GLU A 20 -6.91 -6.01 -1.66
N LEU A 21 -6.88 -6.01 -0.32
CA LEU A 21 -8.03 -6.39 0.50
C LEU A 21 -9.15 -5.36 0.29
N VAL A 22 -8.81 -4.10 0.44
CA VAL A 22 -9.79 -3.06 0.21
C VAL A 22 -10.38 -3.14 -1.21
N LYS A 23 -9.53 -3.24 -2.22
CA LYS A 23 -10.00 -3.31 -3.61
C LYS A 23 -10.97 -4.48 -3.89
N LYS A 24 -10.69 -5.63 -3.30
CA LYS A 24 -11.54 -6.80 -3.46
C LYS A 24 -12.91 -6.50 -2.85
N LEU A 25 -12.92 -5.87 -1.68
CA LEU A 25 -14.19 -5.55 -1.07
C LEU A 25 -14.95 -4.57 -1.96
N GLU A 26 -14.25 -3.62 -2.58
CA GLU A 26 -14.90 -2.66 -3.45
C GLU A 26 -15.49 -3.37 -4.67
N ASP A 27 -14.73 -4.28 -5.28
CA ASP A 27 -15.25 -5.01 -6.44
C ASP A 27 -16.37 -5.92 -5.99
N LYS A 28 -16.26 -6.42 -4.78
CA LYS A 28 -17.28 -7.31 -4.28
C LYS A 28 -18.53 -6.52 -3.84
N PHE A 29 -18.34 -5.57 -2.93
CA PHE A 29 -19.44 -4.81 -2.38
C PHE A 29 -19.84 -3.48 -3.00
N GLY A 30 -18.94 -2.87 -3.77
CA GLY A 30 -19.25 -1.59 -4.37
C GLY A 30 -18.57 -0.52 -3.55
N VAL A 31 -18.24 0.62 -4.14
CA VAL A 31 -17.55 1.68 -3.39
C VAL A 31 -18.31 2.25 -2.20
N THR A 32 -19.64 2.16 -2.22
CA THR A 32 -20.44 2.71 -1.14
C THR A 32 -20.46 1.83 0.09
N ALA A 33 -20.64 0.52 -0.10
CA ALA A 33 -20.66 -0.40 1.03
C ALA A 33 -19.22 -0.78 1.48
N ALA A 34 -18.26 -0.70 0.57
CA ALA A 34 -16.90 -1.04 0.94
C ALA A 34 -16.19 0.17 1.56
N ALA A 35 -16.79 1.34 1.38
CA ALA A 35 -16.20 2.58 1.90
C ALA A 35 -15.73 2.49 3.34
N PRO A 36 -16.57 1.96 4.26
CA PRO A 36 -16.14 1.84 5.66
C PRO A 36 -14.76 1.19 5.86
N VAL A 37 -14.50 0.08 5.19
CA VAL A 37 -13.22 -0.61 5.30
C VAL A 37 -12.14 0.18 4.61
N ALA A 38 -12.49 0.82 3.50
CA ALA A 38 -11.52 1.61 2.76
C ALA A 38 -11.01 2.72 3.67
N VAL A 39 -11.91 3.47 4.31
CA VAL A 39 -11.46 4.56 5.16
C VAL A 39 -10.77 4.10 6.43
N ALA A 40 -11.29 3.03 7.05
CA ALA A 40 -10.73 2.53 8.29
C ALA A 40 -9.38 1.83 8.12
N ALA A 41 -9.12 1.33 6.90
CA ALA A 41 -7.87 0.62 6.65
C ALA A 41 -6.72 1.49 6.15
N ALA A 42 -7.02 2.61 5.52
CA ALA A 42 -5.98 3.48 5.00
C ALA A 42 -4.92 3.83 6.05
N PRO A 43 -5.35 4.17 7.27
CA PRO A 43 -4.38 4.51 8.31
C PRO A 43 -3.53 3.30 8.65
N VAL A 44 -4.14 2.12 8.60
CA VAL A 44 -3.46 0.87 8.92
C VAL A 44 -2.36 0.67 7.89
N ALA A 45 -2.68 0.94 6.62
CA ALA A 45 -1.70 0.81 5.54
C ALA A 45 -0.68 1.94 5.68
N GLY A 46 -1.14 3.14 6.03
CA GLY A 46 -0.21 4.25 6.21
C GLY A 46 0.84 3.90 7.25
N ALA A 47 0.40 3.30 8.36
CA ALA A 47 1.27 2.89 9.44
C ALA A 47 2.25 1.81 8.97
N ALA A 48 1.78 0.94 8.07
CA ALA A 48 2.63 -0.13 7.53
C ALA A 48 3.62 0.47 6.53
N ALA A 49 3.20 1.51 5.81
CA ALA A 49 4.11 2.14 4.85
C ALA A 49 5.24 2.80 5.62
N GLY A 50 4.90 3.43 6.74
CA GLY A 50 5.92 4.06 7.55
C GLY A 50 6.80 3.00 8.20
N ALA A 51 6.21 1.89 8.60
CA ALA A 51 6.97 0.82 9.21
C ALA A 51 8.00 0.26 8.22
N ALA A 52 7.58 0.04 6.97
CA ALA A 52 8.49 -0.48 5.95
C ALA A 52 9.68 0.45 5.77
N GLN A 53 9.43 1.74 5.78
CA GLN A 53 10.53 2.69 5.62
C GLN A 53 11.52 2.54 6.77
N GLU A 54 11.00 2.44 7.99
CA GLU A 54 11.84 2.32 9.18
C GLU A 54 12.61 1.01 9.30
N GLU A 55 12.04 -0.06 8.78
CA GLU A 55 12.66 -1.36 8.86
C GLU A 55 13.51 -1.65 7.64
N LYS A 56 13.63 -0.65 6.77
CA LYS A 56 14.42 -0.79 5.55
C LYS A 56 13.94 -1.91 4.62
N THR A 57 12.64 -2.16 4.59
CA THR A 57 12.12 -3.18 3.70
C THR A 57 11.68 -2.46 2.44
N GLU A 58 11.67 -1.13 2.52
CA GLU A 58 11.30 -0.27 1.41
C GLU A 58 12.16 0.97 1.49
N PHE A 59 12.51 1.54 0.36
CA PHE A 59 13.38 2.70 0.38
C PHE A 59 12.83 3.92 -0.34
N ASP A 60 13.36 5.09 0.02
CA ASP A 60 12.96 6.33 -0.61
C ASP A 60 14.18 7.01 -1.16
N VAL A 61 13.95 7.93 -2.07
CA VAL A 61 15.00 8.69 -2.73
C VAL A 61 14.88 10.13 -2.27
N VAL A 62 15.94 10.67 -1.70
CA VAL A 62 15.94 12.03 -1.17
C VAL A 62 16.90 12.92 -1.95
N LEU A 63 16.44 14.10 -2.35
CA LEU A 63 17.29 15.02 -3.09
C LEU A 63 18.15 15.87 -2.16
N LYS A 64 19.48 15.72 -2.25
CA LYS A 64 20.38 16.51 -1.41
C LYS A 64 20.76 17.81 -2.11
N SER A 65 20.62 17.83 -3.42
CA SER A 65 20.96 19.00 -4.19
C SER A 65 20.68 18.78 -5.67
N PHE A 66 20.50 19.88 -6.38
CA PHE A 66 20.25 19.82 -7.82
C PHE A 66 21.36 20.60 -8.56
N GLY A 67 22.13 21.36 -7.81
CA GLY A 67 23.22 22.13 -8.39
C GLY A 67 22.84 23.21 -9.39
N GLN A 68 23.63 23.32 -10.44
CA GLN A 68 23.39 24.33 -11.46
C GLN A 68 22.33 23.86 -12.43
N ASN A 69 21.93 22.59 -12.29
CA ASN A 69 20.92 22.02 -13.18
C ASN A 69 19.50 21.93 -12.64
N LYS A 70 19.06 22.98 -11.95
CA LYS A 70 17.71 22.98 -11.41
C LYS A 70 16.69 22.53 -12.49
N ILE A 71 16.79 23.09 -13.69
CA ILE A 71 15.88 22.76 -14.78
C ILE A 71 15.86 21.29 -15.23
N GLN A 72 17.03 20.77 -15.55
CA GLN A 72 17.15 19.39 -15.98
C GLN A 72 16.69 18.43 -14.86
N VAL A 73 17.07 18.74 -13.63
CA VAL A 73 16.70 17.94 -12.47
C VAL A 73 15.17 17.94 -12.33
N ILE A 74 14.54 19.10 -12.51
CA ILE A 74 13.08 19.17 -12.41
C ILE A 74 12.48 18.34 -13.54
N LYS A 75 13.18 18.27 -14.66
CA LYS A 75 12.70 17.48 -15.77
C LYS A 75 12.61 16.00 -15.37
N VAL A 76 13.64 15.50 -14.68
CA VAL A 76 13.63 14.10 -14.26
C VAL A 76 12.59 13.84 -13.18
N VAL A 77 12.47 14.75 -12.23
CA VAL A 77 11.47 14.58 -11.18
C VAL A 77 10.08 14.52 -11.81
N ARG A 78 9.83 15.39 -12.80
CA ARG A 78 8.54 15.42 -13.50
C ARG A 78 8.38 14.08 -14.20
N GLU A 79 9.47 13.55 -14.75
CA GLU A 79 9.43 12.28 -15.46
C GLU A 79 9.05 11.13 -14.55
N ILE A 80 9.74 11.05 -13.42
CA ILE A 80 9.52 10.04 -12.40
C ILE A 80 8.19 10.17 -11.64
N THR A 81 7.80 11.40 -11.29
CA THR A 81 6.59 11.59 -10.51
C THR A 81 5.32 12.05 -11.24
N GLY A 82 5.46 12.66 -12.41
CA GLY A 82 4.27 13.13 -13.10
C GLY A 82 3.80 14.46 -12.50
N LEU A 83 4.57 14.99 -11.56
CA LEU A 83 4.20 16.25 -10.96
C LEU A 83 4.28 17.27 -12.06
N GLY A 84 3.46 18.31 -11.98
CA GLY A 84 3.52 19.37 -12.98
C GLY A 84 4.70 20.29 -12.67
N LEU A 85 4.94 21.26 -13.54
CA LEU A 85 6.02 22.22 -13.37
C LEU A 85 6.08 22.87 -11.96
N LYS A 86 5.08 23.68 -11.65
CA LYS A 86 5.00 24.36 -10.35
C LYS A 86 5.41 23.42 -9.23
N GLU A 87 4.63 22.34 -9.06
CA GLU A 87 4.85 21.34 -8.03
C GLU A 87 6.21 20.72 -8.11
N ALA A 88 6.65 20.32 -9.31
CA ALA A 88 7.99 19.74 -9.42
C ALA A 88 9.02 20.76 -8.94
N LYS A 89 8.94 22.00 -9.44
CA LYS A 89 9.88 23.06 -9.01
C LYS A 89 9.89 23.19 -7.47
N ASP A 90 8.71 23.15 -6.88
CA ASP A 90 8.56 23.28 -5.45
C ASP A 90 9.37 22.24 -4.68
N LEU A 91 9.24 20.99 -5.09
CA LEU A 91 9.91 19.86 -4.44
C LEU A 91 11.42 19.93 -4.63
N VAL A 92 11.84 20.11 -5.88
CA VAL A 92 13.25 20.22 -6.23
C VAL A 92 13.91 21.32 -5.40
N GLU A 93 13.24 22.46 -5.29
CA GLU A 93 13.75 23.60 -4.54
C GLU A 93 13.88 23.30 -3.05
N LYS A 94 13.31 22.17 -2.64
CA LYS A 94 13.35 21.76 -1.25
C LYS A 94 14.60 20.91 -1.00
N ALA A 95 15.42 20.78 -2.03
CA ALA A 95 16.64 20.01 -1.95
C ALA A 95 17.36 20.27 -0.64
N GLY A 96 18.03 19.24 -0.13
CA GLY A 96 18.74 19.41 1.12
C GLY A 96 17.79 19.23 2.27
N SER A 97 16.50 19.38 2.02
CA SER A 97 15.51 19.20 3.07
C SER A 97 15.11 17.75 3.23
N PRO A 98 14.83 17.34 4.46
CA PRO A 98 14.41 15.98 4.80
C PRO A 98 13.17 15.57 4.00
N ASP A 99 12.32 16.51 3.66
CA ASP A 99 11.15 16.11 2.91
C ASP A 99 11.29 16.37 1.43
N ALA A 100 12.53 16.34 0.95
CA ALA A 100 12.77 16.50 -0.47
C ALA A 100 12.74 15.07 -1.00
N VAL A 101 11.73 14.32 -0.58
CA VAL A 101 11.56 12.93 -1.00
C VAL A 101 10.88 12.87 -2.36
N ILE A 102 11.65 12.50 -3.38
CA ILE A 102 11.13 12.37 -4.74
C ILE A 102 10.24 11.14 -4.83
N LYS A 103 10.70 10.03 -4.30
CA LYS A 103 9.88 8.81 -4.31
C LYS A 103 10.22 7.88 -3.17
N SER A 104 9.20 7.22 -2.64
CA SER A 104 9.40 6.29 -1.53
C SER A 104 8.49 5.10 -1.69
N GLY A 105 8.77 4.06 -0.92
CA GLY A 105 7.98 2.86 -0.98
C GLY A 105 8.47 1.99 -2.12
N VAL A 106 9.62 2.34 -2.66
CA VAL A 106 10.21 1.59 -3.77
C VAL A 106 11.20 0.54 -3.26
N SER A 107 11.65 -0.31 -4.19
CA SER A 107 12.60 -1.36 -3.86
C SER A 107 13.99 -0.74 -3.99
N LYS A 108 15.00 -1.40 -3.42
CA LYS A 108 16.37 -0.91 -3.48
C LYS A 108 16.78 -0.70 -4.93
N GLU A 109 16.46 -1.67 -5.78
CA GLU A 109 16.80 -1.56 -7.20
C GLU A 109 16.12 -0.35 -7.82
N GLU A 110 14.82 -0.24 -7.59
CA GLU A 110 14.07 0.87 -8.15
C GLU A 110 14.63 2.16 -7.58
N ALA A 111 14.94 2.15 -6.28
CA ALA A 111 15.50 3.33 -5.64
C ALA A 111 16.82 3.67 -6.31
N GLU A 112 17.66 2.64 -6.52
CA GLU A 112 18.95 2.80 -7.19
C GLU A 112 18.70 3.41 -8.55
N GLU A 113 17.89 2.72 -9.35
CA GLU A 113 17.52 3.17 -10.69
C GLU A 113 17.18 4.66 -10.70
N ILE A 114 16.31 5.08 -9.79
CA ILE A 114 15.89 6.46 -9.67
C ILE A 114 17.09 7.34 -9.31
N LYS A 115 17.84 6.95 -8.28
CA LYS A 115 19.01 7.72 -7.88
C LYS A 115 19.90 7.97 -9.09
N LYS A 116 20.13 6.94 -9.88
CA LYS A 116 20.96 7.04 -11.07
C LYS A 116 20.54 8.18 -12.01
N LYS A 117 19.28 8.11 -12.47
CA LYS A 117 18.68 9.08 -13.39
C LYS A 117 18.74 10.53 -12.89
N LEU A 118 18.58 10.70 -11.58
CA LEU A 118 18.63 12.02 -10.95
C LEU A 118 20.07 12.51 -10.90
N GLU A 119 20.98 11.63 -10.53
CA GLU A 119 22.39 12.03 -10.47
C GLU A 119 22.84 12.36 -11.86
N GLU A 120 22.24 11.70 -12.83
CA GLU A 120 22.59 11.94 -14.21
C GLU A 120 22.24 13.35 -14.67
N ALA A 121 21.19 13.96 -14.12
CA ALA A 121 20.79 15.30 -14.52
C ALA A 121 21.48 16.41 -13.70
N GLY A 122 22.35 16.02 -12.77
CA GLY A 122 23.06 16.99 -11.99
C GLY A 122 22.71 17.06 -10.52
N ALA A 123 21.95 16.08 -10.04
CA ALA A 123 21.55 16.11 -8.65
C ALA A 123 22.39 15.24 -7.73
N GLU A 124 22.28 15.52 -6.43
CA GLU A 124 22.98 14.79 -5.39
C GLU A 124 21.86 14.11 -4.62
N VAL A 125 21.83 12.79 -4.72
CA VAL A 125 20.79 11.98 -4.10
C VAL A 125 21.23 11.02 -2.99
N GLU A 126 20.35 10.89 -2.01
CA GLU A 126 20.57 10.02 -0.88
C GLU A 126 19.46 9.00 -0.80
N LEU A 127 19.82 7.73 -0.69
CA LEU A 127 18.82 6.68 -0.58
C LEU A 127 18.63 6.32 0.87
N LYS A 128 17.39 6.32 1.33
CA LYS A 128 17.11 5.98 2.72
C LYS A 128 16.15 4.80 2.82
N MET B 1 -1.85 21.67 -11.51
CA MET B 1 -1.98 20.48 -12.39
C MET B 1 -3.42 20.26 -12.81
N THR B 2 -3.61 19.56 -13.91
CA THR B 2 -4.94 19.24 -14.38
C THR B 2 -5.43 18.12 -13.47
N ILE B 3 -6.71 17.81 -13.57
CA ILE B 3 -7.32 16.72 -12.82
C ILE B 3 -6.67 15.46 -13.39
N ASP B 4 -6.57 15.41 -14.72
CA ASP B 4 -5.97 14.29 -15.41
C ASP B 4 -4.48 14.19 -15.12
N GLU B 5 -3.87 15.35 -14.93
CA GLU B 5 -2.44 15.47 -14.62
C GLU B 5 -2.20 14.95 -13.18
N ILE B 6 -3.19 15.16 -12.31
CA ILE B 6 -3.11 14.70 -10.94
C ILE B 6 -3.40 13.22 -10.88
N ILE B 7 -4.24 12.75 -11.80
CA ILE B 7 -4.59 11.34 -11.83
C ILE B 7 -3.41 10.51 -12.30
N GLU B 8 -2.62 11.05 -13.22
CA GLU B 8 -1.45 10.33 -13.72
C GLU B 8 -0.31 10.36 -12.70
N ALA B 9 -0.30 11.40 -11.85
CA ALA B 9 0.71 11.50 -10.80
C ALA B 9 0.35 10.44 -9.73
N ILE B 10 -0.93 10.39 -9.39
CA ILE B 10 -1.43 9.42 -8.43
C ILE B 10 -1.16 8.03 -8.97
N GLU B 11 -1.28 7.87 -10.28
CA GLU B 11 -1.05 6.58 -10.91
C GLU B 11 0.41 6.14 -10.90
N LYS B 12 1.32 7.07 -10.58
CA LYS B 12 2.73 6.75 -10.54
C LYS B 12 3.25 6.48 -9.14
N LEU B 13 2.40 6.68 -8.14
CA LEU B 13 2.79 6.48 -6.74
C LEU B 13 2.99 5.02 -6.40
N THR B 14 3.84 4.76 -5.42
CA THR B 14 4.04 3.40 -4.99
C THR B 14 2.83 3.05 -4.09
N VAL B 15 2.61 1.76 -3.83
CA VAL B 15 1.51 1.38 -2.97
C VAL B 15 1.68 2.08 -1.61
N SER B 16 2.91 2.23 -1.15
CA SER B 16 3.14 2.87 0.14
C SER B 16 2.81 4.35 0.15
N GLU B 17 3.21 5.05 -0.92
CA GLU B 17 2.93 6.49 -1.05
C GLU B 17 1.42 6.75 -1.07
N LEU B 18 0.69 5.96 -1.84
CA LEU B 18 -0.76 6.09 -1.91
C LEU B 18 -1.35 5.91 -0.51
N ALA B 19 -0.90 4.89 0.21
CA ALA B 19 -1.39 4.64 1.56
C ALA B 19 -1.11 5.84 2.46
N GLU B 20 0.11 6.35 2.40
CA GLU B 20 0.50 7.52 3.19
C GLU B 20 -0.30 8.75 2.78
N LEU B 21 -0.50 8.92 1.48
CA LEU B 21 -1.24 10.06 0.97
C LEU B 21 -2.63 10.06 1.58
N VAL B 22 -3.30 8.93 1.48
CA VAL B 22 -4.65 8.81 1.99
C VAL B 22 -4.67 9.03 3.49
N LYS B 23 -3.78 8.36 4.20
CA LYS B 23 -3.73 8.49 5.64
C LYS B 23 -3.55 9.97 5.96
N LYS B 24 -2.70 10.63 5.19
CA LYS B 24 -2.47 12.05 5.40
C LYS B 24 -3.74 12.87 5.12
N LEU B 25 -4.59 12.47 4.17
CA LEU B 25 -5.82 13.24 3.91
C LEU B 25 -6.83 13.04 5.05
N GLU B 26 -6.93 11.81 5.53
CA GLU B 26 -7.83 11.49 6.64
C GLU B 26 -7.49 12.29 7.89
N ASP B 27 -6.21 12.43 8.23
CA ASP B 27 -5.80 13.20 9.40
C ASP B 27 -6.10 14.69 9.25
N LYS B 28 -5.81 15.22 8.07
CA LYS B 28 -6.01 16.61 7.76
C LYS B 28 -7.50 16.95 7.58
N PHE B 29 -8.20 16.19 6.73
CA PHE B 29 -9.61 16.47 6.46
C PHE B 29 -10.70 15.73 7.23
N GLY B 30 -10.32 14.69 7.96
CA GLY B 30 -11.29 13.89 8.69
C GLY B 30 -11.71 12.75 7.79
N VAL B 31 -12.07 11.61 8.40
CA VAL B 31 -12.47 10.40 7.68
C VAL B 31 -13.58 10.58 6.66
N THR B 32 -14.55 11.41 7.03
CA THR B 32 -15.71 11.69 6.20
C THR B 32 -15.39 12.45 4.94
N ALA B 33 -14.72 13.60 5.10
CA ALA B 33 -14.37 14.42 3.96
C ALA B 33 -13.26 13.78 3.14
N ALA B 34 -12.38 13.01 3.76
CA ALA B 34 -11.31 12.39 2.99
C ALA B 34 -11.74 11.09 2.32
N ALA B 35 -12.86 10.53 2.75
CA ALA B 35 -13.35 9.28 2.21
C ALA B 35 -13.38 9.16 0.68
N PRO B 36 -13.72 10.25 -0.04
CA PRO B 36 -13.74 10.15 -1.50
C PRO B 36 -12.40 9.73 -2.09
N VAL B 37 -11.30 10.25 -1.57
CA VAL B 37 -10.00 9.86 -2.09
C VAL B 37 -9.61 8.46 -1.60
N ALA B 38 -10.05 8.10 -0.40
CA ALA B 38 -9.74 6.80 0.16
C ALA B 38 -10.29 5.70 -0.75
N VAL B 39 -11.59 5.80 -1.07
CA VAL B 39 -12.23 4.80 -1.92
C VAL B 39 -11.75 4.93 -3.39
N ALA B 40 -11.50 6.16 -3.85
CA ALA B 40 -11.07 6.38 -5.22
C ALA B 40 -9.64 5.90 -5.46
N ALA B 41 -8.81 5.90 -4.43
CA ALA B 41 -7.42 5.48 -4.62
C ALA B 41 -7.11 4.02 -4.29
N ALA B 42 -7.99 3.37 -3.54
CA ALA B 42 -7.77 1.97 -3.17
C ALA B 42 -7.62 1.08 -4.42
N PRO B 43 -8.40 1.33 -5.47
CA PRO B 43 -8.25 0.51 -6.65
C PRO B 43 -6.89 0.76 -7.31
N VAL B 44 -6.44 2.01 -7.24
CA VAL B 44 -5.16 2.36 -7.82
C VAL B 44 -4.05 1.65 -7.06
N ALA B 45 -4.12 1.67 -5.72
CA ALA B 45 -3.12 1.00 -4.89
C ALA B 45 -3.22 -0.49 -5.11
N GLY B 46 -4.44 -1.00 -5.25
CA GLY B 46 -4.63 -2.42 -5.51
C GLY B 46 -3.94 -2.80 -6.81
N ALA B 47 -4.02 -1.92 -7.80
CA ALA B 47 -3.36 -2.15 -9.09
C ALA B 47 -1.85 -2.13 -8.91
N ALA B 48 -1.35 -1.17 -8.14
CA ALA B 48 0.08 -1.07 -7.90
C ALA B 48 0.54 -2.30 -7.14
N ALA B 49 -0.30 -2.79 -6.23
CA ALA B 49 0.07 -3.97 -5.47
C ALA B 49 0.26 -5.12 -6.44
N GLY B 50 -0.67 -5.29 -7.38
CA GLY B 50 -0.56 -6.36 -8.34
C GLY B 50 0.59 -6.16 -9.30
N ALA B 51 0.82 -4.94 -9.74
CA ALA B 51 1.91 -4.68 -10.66
C ALA B 51 3.24 -4.93 -9.98
N ALA B 52 3.29 -4.86 -8.66
CA ALA B 52 4.55 -5.09 -7.97
C ALA B 52 4.82 -6.58 -7.85
N GLN B 53 3.76 -7.39 -7.83
CA GLN B 53 3.93 -8.85 -7.74
C GLN B 53 4.36 -9.44 -9.09
N GLU B 54 3.97 -8.77 -10.18
CA GLU B 54 4.29 -9.22 -11.53
C GLU B 54 5.62 -8.69 -12.03
N GLU B 55 6.12 -7.65 -11.39
CA GLU B 55 7.38 -7.05 -11.79
C GLU B 55 8.46 -7.51 -10.81
N LYS B 56 8.07 -8.38 -9.89
CA LYS B 56 9.00 -8.88 -8.88
C LYS B 56 9.69 -7.79 -8.06
N THR B 57 8.94 -6.74 -7.75
CA THR B 57 9.45 -5.64 -6.92
C THR B 57 9.01 -5.94 -5.47
N GLU B 58 8.18 -6.96 -5.37
CA GLU B 58 7.64 -7.49 -4.12
C GLU B 58 7.38 -8.95 -4.43
N PHE B 59 7.33 -9.77 -3.40
CA PHE B 59 7.14 -11.17 -3.59
C PHE B 59 6.10 -11.64 -2.62
N ASP B 60 5.74 -12.92 -2.76
CA ASP B 60 4.78 -13.54 -1.88
C ASP B 60 5.31 -14.92 -1.53
N VAL B 61 4.66 -15.57 -0.58
CA VAL B 61 5.08 -16.88 -0.11
C VAL B 61 3.92 -17.84 -0.32
N VAL B 62 4.06 -18.70 -1.34
CA VAL B 62 3.02 -19.67 -1.67
C VAL B 62 3.35 -21.01 -1.03
N LEU B 63 2.37 -21.60 -0.36
CA LEU B 63 2.56 -22.90 0.30
C LEU B 63 2.36 -24.05 -0.72
N LYS B 64 3.42 -24.81 -0.98
CA LYS B 64 3.34 -25.90 -1.94
C LYS B 64 2.93 -27.17 -1.24
N SER B 65 3.09 -27.22 0.07
CA SER B 65 2.75 -28.41 0.83
C SER B 65 2.96 -28.17 2.32
N PHE B 66 2.08 -28.71 3.17
CA PHE B 66 2.28 -28.54 4.62
C PHE B 66 3.09 -29.72 5.23
N GLY B 67 3.43 -30.69 4.38
CA GLY B 67 4.22 -31.83 4.82
C GLY B 67 3.60 -32.79 5.81
N GLN B 68 4.41 -33.19 6.79
CA GLN B 68 3.99 -34.14 7.83
C GLN B 68 3.62 -33.43 9.14
N ASN B 69 3.79 -32.12 9.18
CA ASN B 69 3.44 -31.35 10.37
C ASN B 69 2.46 -30.21 10.11
N LYS B 70 1.34 -30.57 9.49
CA LYS B 70 0.29 -29.63 9.15
C LYS B 70 0.11 -28.63 10.28
N ILE B 71 -0.09 -29.15 11.49
CA ILE B 71 -0.30 -28.35 12.69
C ILE B 71 0.87 -27.40 13.02
N GLN B 72 2.09 -27.83 12.72
CA GLN B 72 3.27 -27.01 12.97
C GLN B 72 3.43 -25.93 11.90
N VAL B 73 2.90 -26.20 10.71
CA VAL B 73 2.95 -25.25 9.60
C VAL B 73 1.90 -24.17 9.87
N ILE B 74 0.76 -24.60 10.40
CA ILE B 74 -0.35 -23.73 10.74
C ILE B 74 0.07 -22.77 11.88
N LYS B 75 0.93 -23.27 12.77
CA LYS B 75 1.40 -22.45 13.89
C LYS B 75 2.11 -21.21 13.35
N VAL B 76 3.09 -21.47 12.48
CA VAL B 76 3.88 -20.41 11.88
C VAL B 76 2.98 -19.46 11.08
N VAL B 77 1.96 -20.03 10.44
CA VAL B 77 1.05 -19.21 9.65
C VAL B 77 0.30 -18.25 10.57
N ARG B 78 -0.16 -18.76 11.71
CA ARG B 78 -0.88 -17.92 12.65
C ARG B 78 0.05 -16.85 13.16
N GLU B 79 1.25 -17.26 13.56
CA GLU B 79 2.22 -16.30 14.08
C GLU B 79 2.41 -15.17 13.10
N ILE B 80 2.57 -15.53 11.84
CA ILE B 80 2.79 -14.57 10.76
C ILE B 80 1.59 -13.68 10.43
N THR B 81 0.48 -14.33 10.14
CA THR B 81 -0.73 -13.64 9.70
C THR B 81 -1.69 -13.16 10.79
N GLY B 82 -1.78 -13.91 11.88
CA GLY B 82 -2.66 -13.52 12.97
C GLY B 82 -4.04 -14.15 12.84
N LEU B 83 -4.19 -14.98 11.81
CA LEU B 83 -5.44 -15.66 11.57
C LEU B 83 -5.82 -16.53 12.75
N GLY B 84 -7.11 -16.70 12.95
CA GLY B 84 -7.60 -17.55 14.03
C GLY B 84 -7.29 -18.96 13.62
N LEU B 85 -7.71 -19.94 14.42
CA LEU B 85 -7.42 -21.33 14.09
C LEU B 85 -8.11 -21.86 12.84
N LYS B 86 -9.43 -21.87 12.85
CA LYS B 86 -10.18 -22.36 11.71
C LYS B 86 -9.57 -21.84 10.42
N GLU B 87 -9.61 -20.52 10.24
CA GLU B 87 -9.10 -19.87 9.04
C GLU B 87 -7.65 -20.21 8.72
N ALA B 88 -6.80 -20.37 9.72
CA ALA B 88 -5.41 -20.71 9.41
C ALA B 88 -5.29 -22.12 8.86
N LYS B 89 -6.02 -23.07 9.46
CA LYS B 89 -6.01 -24.46 8.98
C LYS B 89 -6.63 -24.52 7.58
N ASP B 90 -7.54 -23.59 7.33
CA ASP B 90 -8.20 -23.51 6.04
C ASP B 90 -7.16 -23.08 5.00
N LEU B 91 -6.38 -22.05 5.33
CA LEU B 91 -5.38 -21.55 4.39
C LEU B 91 -4.27 -22.58 4.15
N VAL B 92 -3.73 -23.14 5.24
CA VAL B 92 -2.66 -24.16 5.15
C VAL B 92 -3.13 -25.37 4.33
N GLU B 93 -4.29 -25.91 4.65
CA GLU B 93 -4.83 -27.05 3.95
C GLU B 93 -5.11 -26.79 2.46
N LYS B 94 -4.88 -25.57 2.00
CA LYS B 94 -5.10 -25.24 0.58
C LYS B 94 -3.80 -25.35 -0.19
N ALA B 95 -2.77 -25.82 0.53
CA ALA B 95 -1.42 -26.00 -0.01
C ALA B 95 -1.44 -26.67 -1.38
N GLY B 96 -0.48 -26.30 -2.20
CA GLY B 96 -0.43 -26.87 -3.53
C GLY B 96 -1.29 -26.02 -4.44
N SER B 97 -2.27 -25.34 -3.89
CA SER B 97 -3.13 -24.48 -4.70
C SER B 97 -2.44 -23.15 -4.85
N PRO B 98 -2.56 -22.52 -6.03
CA PRO B 98 -1.95 -21.22 -6.34
C PRO B 98 -2.31 -20.10 -5.34
N ASP B 99 -3.49 -20.18 -4.72
CA ASP B 99 -3.81 -19.15 -3.77
C ASP B 99 -3.61 -19.58 -2.33
N ALA B 100 -2.65 -20.47 -2.12
CA ALA B 100 -2.30 -20.88 -0.76
C ALA B 100 -1.16 -19.90 -0.44
N VAL B 101 -1.47 -18.60 -0.59
CA VAL B 101 -0.53 -17.51 -0.35
C VAL B 101 -0.58 -17.07 1.11
N ILE B 102 0.52 -17.31 1.81
CA ILE B 102 0.61 -16.98 3.21
C ILE B 102 0.80 -15.51 3.38
N LYS B 103 1.62 -14.92 2.52
CA LYS B 103 1.89 -13.50 2.59
C LYS B 103 2.43 -12.97 1.27
N SER B 104 2.07 -11.74 0.95
CA SER B 104 2.55 -11.11 -0.27
C SER B 104 2.87 -9.65 0.02
N GLY B 105 3.51 -8.99 -0.93
CA GLY B 105 3.89 -7.58 -0.77
C GLY B 105 5.11 -7.40 0.11
N VAL B 106 5.85 -8.49 0.30
CA VAL B 106 7.05 -8.48 1.12
C VAL B 106 8.33 -8.38 0.29
N SER B 107 9.45 -8.09 0.96
CA SER B 107 10.74 -8.00 0.28
C SER B 107 11.31 -9.40 0.15
N LYS B 108 12.14 -9.64 -0.86
CA LYS B 108 12.77 -10.94 -1.06
C LYS B 108 13.31 -11.39 0.29
N GLU B 109 14.05 -10.51 0.95
CA GLU B 109 14.62 -10.80 2.25
C GLU B 109 13.55 -11.32 3.20
N GLU B 110 12.47 -10.57 3.36
CA GLU B 110 11.40 -10.96 4.26
C GLU B 110 10.72 -12.22 3.77
N ALA B 111 10.65 -12.39 2.45
CA ALA B 111 10.04 -13.59 1.87
C ALA B 111 10.91 -14.80 2.22
N GLU B 112 12.22 -14.60 2.16
CA GLU B 112 13.19 -15.63 2.50
C GLU B 112 13.04 -15.98 3.97
N GLU B 113 12.91 -14.96 4.82
CA GLU B 113 12.76 -15.19 6.26
C GLU B 113 11.48 -15.99 6.56
N ILE B 114 10.45 -15.78 5.76
CA ILE B 114 9.17 -16.47 5.94
C ILE B 114 9.27 -17.88 5.37
N LYS B 115 9.80 -17.99 4.15
CA LYS B 115 9.97 -19.26 3.47
C LYS B 115 10.69 -20.26 4.37
N LYS B 116 11.72 -19.78 5.06
CA LYS B 116 12.52 -20.59 5.95
C LYS B 116 11.78 -20.98 7.23
N LYS B 117 11.15 -20.00 7.87
CA LYS B 117 10.42 -20.24 9.10
C LYS B 117 9.28 -21.26 8.82
N LEU B 118 8.85 -21.32 7.56
CA LEU B 118 7.79 -22.25 7.16
C LEU B 118 8.35 -23.63 6.87
N GLU B 119 9.51 -23.63 6.22
CA GLU B 119 10.19 -24.87 5.87
C GLU B 119 10.67 -25.57 7.12
N GLU B 120 11.03 -24.78 8.13
CA GLU B 120 11.47 -25.32 9.40
C GLU B 120 10.33 -26.09 10.03
N ALA B 121 9.14 -25.96 9.44
CA ALA B 121 7.95 -26.63 9.95
C ALA B 121 7.61 -27.83 9.09
N GLY B 122 8.49 -28.11 8.14
CA GLY B 122 8.29 -29.26 7.27
C GLY B 122 7.30 -29.06 6.16
N ALA B 123 7.27 -27.84 5.62
CA ALA B 123 6.37 -27.49 4.54
C ALA B 123 7.21 -27.08 3.35
N GLU B 124 6.62 -27.13 2.16
CA GLU B 124 7.36 -26.75 0.98
C GLU B 124 6.78 -25.44 0.52
N VAL B 125 7.65 -24.44 0.47
CA VAL B 125 7.31 -23.08 0.10
C VAL B 125 7.97 -22.65 -1.21
N GLU B 126 7.27 -21.78 -1.91
CA GLU B 126 7.76 -21.25 -3.17
C GLU B 126 7.59 -19.74 -3.18
N LEU B 127 8.69 -19.02 -3.36
CA LEU B 127 8.64 -17.56 -3.40
C LEU B 127 8.34 -17.06 -4.82
N LYS B 128 7.19 -16.40 -4.98
CA LYS B 128 6.85 -15.85 -6.28
C LYS B 128 6.99 -14.33 -6.28
N MET C 1 -6.24 -16.89 0.04
CA MET C 1 -4.98 -16.28 0.52
C MET C 1 -5.26 -15.76 1.91
N THR C 2 -4.27 -15.18 2.56
CA THR C 2 -4.51 -14.67 3.88
C THR C 2 -5.58 -13.59 3.78
N ILE C 3 -5.48 -12.70 2.78
CA ILE C 3 -6.47 -11.64 2.68
C ILE C 3 -7.88 -12.19 2.45
N ASP C 4 -7.96 -13.27 1.68
CA ASP C 4 -9.26 -13.89 1.42
C ASP C 4 -9.87 -14.40 2.71
N GLU C 5 -9.03 -14.92 3.60
CA GLU C 5 -9.46 -15.43 4.92
C GLU C 5 -10.05 -14.29 5.77
N ILE C 6 -9.44 -13.11 5.67
CA ILE C 6 -9.91 -11.94 6.39
C ILE C 6 -11.23 -11.46 5.77
N ILE C 7 -11.27 -11.34 4.45
CA ILE C 7 -12.50 -10.92 3.77
C ILE C 7 -13.69 -11.82 4.15
N GLU C 8 -13.55 -13.13 3.96
CA GLU C 8 -14.62 -14.05 4.30
C GLU C 8 -15.06 -13.84 5.76
N ALA C 9 -14.12 -13.47 6.62
CA ALA C 9 -14.44 -13.22 8.04
C ALA C 9 -15.24 -11.92 8.19
N ILE C 10 -14.87 -10.91 7.40
CA ILE C 10 -15.52 -9.60 7.42
C ILE C 10 -16.94 -9.64 6.88
N GLU C 11 -17.14 -10.25 5.72
CA GLU C 11 -18.48 -10.33 5.15
C GLU C 11 -19.45 -11.17 5.99
N LYS C 12 -18.93 -11.90 6.98
CA LYS C 12 -19.77 -12.71 7.85
C LYS C 12 -20.29 -11.81 8.95
N LEU C 13 -19.56 -10.74 9.21
CA LEU C 13 -19.96 -9.82 10.27
C LEU C 13 -21.34 -9.23 10.03
N THR C 14 -22.03 -8.86 11.10
CA THR C 14 -23.33 -8.23 10.95
C THR C 14 -22.98 -6.75 10.75
N VAL C 15 -23.98 -5.93 10.45
CA VAL C 15 -23.73 -4.52 10.26
C VAL C 15 -23.28 -3.90 11.58
N SER C 16 -23.81 -4.39 12.69
CA SER C 16 -23.40 -3.84 13.97
C SER C 16 -21.96 -4.22 14.27
N GLU C 17 -21.58 -5.45 13.92
CA GLU C 17 -20.23 -5.95 14.15
C GLU C 17 -19.19 -5.21 13.29
N LEU C 18 -19.55 -4.99 12.03
CA LEU C 18 -18.72 -4.26 11.08
C LEU C 18 -18.47 -2.85 11.59
N ALA C 19 -19.51 -2.24 12.12
CA ALA C 19 -19.45 -0.90 12.69
C ALA C 19 -18.48 -0.86 13.87
N GLU C 20 -18.35 -1.99 14.57
CA GLU C 20 -17.46 -2.08 15.70
C GLU C 20 -16.04 -2.33 15.23
N LEU C 21 -15.90 -3.06 14.14
CA LEU C 21 -14.57 -3.28 13.59
C LEU C 21 -14.01 -1.90 13.17
N VAL C 22 -14.86 -1.12 12.50
CA VAL C 22 -14.47 0.19 12.01
C VAL C 22 -14.15 1.22 13.07
N LYS C 23 -14.96 1.27 14.12
CA LYS C 23 -14.73 2.26 15.16
C LYS C 23 -13.37 1.97 15.74
N LYS C 24 -13.18 0.71 16.15
CA LYS C 24 -11.94 0.26 16.76
C LYS C 24 -10.71 0.61 15.94
N LEU C 25 -10.73 0.24 14.66
CA LEU C 25 -9.62 0.52 13.77
C LEU C 25 -9.35 2.00 13.73
N GLU C 26 -10.41 2.78 13.54
CA GLU C 26 -10.29 4.23 13.48
C GLU C 26 -9.89 4.76 14.86
N ASP C 27 -10.34 4.08 15.89
CA ASP C 27 -10.01 4.49 17.23
C ASP C 27 -8.51 4.32 17.45
N LYS C 28 -8.00 3.13 17.09
CA LYS C 28 -6.59 2.79 17.26
C LYS C 28 -5.63 3.56 16.35
N PHE C 29 -6.15 4.31 15.39
CA PHE C 29 -5.24 5.06 14.53
C PHE C 29 -5.54 6.55 14.55
N GLY C 30 -6.07 7.02 15.68
CA GLY C 30 -6.39 8.43 15.83
C GLY C 30 -7.29 9.04 14.77
N VAL C 31 -8.37 8.34 14.42
CA VAL C 31 -9.29 8.82 13.41
C VAL C 31 -10.33 9.81 13.94
N THR C 32 -10.67 10.78 13.09
CA THR C 32 -11.66 11.81 13.40
C THR C 32 -12.59 11.91 12.18
N MET D 1 7.64 16.37 0.09
CA MET D 1 7.60 15.05 -0.57
C MET D 1 6.63 15.09 -1.74
N THR D 2 6.79 14.17 -2.70
CA THR D 2 5.92 14.12 -3.86
C THR D 2 4.45 14.01 -3.47
N ILE D 3 4.13 13.14 -2.52
CA ILE D 3 2.74 13.02 -2.11
C ILE D 3 2.21 14.32 -1.51
N ASP D 4 3.09 15.09 -0.87
CA ASP D 4 2.69 16.36 -0.30
C ASP D 4 2.35 17.34 -1.43
N GLU D 5 2.95 17.13 -2.60
CA GLU D 5 2.73 17.95 -3.80
C GLU D 5 1.38 17.65 -4.38
N ILE D 6 1.03 16.37 -4.34
CA ILE D 6 -0.25 15.89 -4.85
C ILE D 6 -1.40 16.27 -3.90
N ILE D 7 -1.14 16.21 -2.61
CA ILE D 7 -2.11 16.57 -1.60
C ILE D 7 -2.46 18.06 -1.73
N GLU D 8 -1.44 18.89 -1.92
CA GLU D 8 -1.67 20.33 -2.06
C GLU D 8 -2.45 20.66 -3.32
N ALA D 9 -2.26 19.86 -4.37
CA ALA D 9 -3.01 20.05 -5.60
C ALA D 9 -4.48 19.66 -5.42
N ILE D 10 -4.70 18.55 -4.72
CA ILE D 10 -6.05 18.03 -4.46
C ILE D 10 -6.88 18.98 -3.61
N GLU D 11 -6.29 19.57 -2.58
CA GLU D 11 -7.02 20.50 -1.71
C GLU D 11 -7.26 21.87 -2.36
N LYS D 12 -6.72 22.12 -3.54
CA LYS D 12 -6.95 23.39 -4.21
C LYS D 12 -8.06 23.20 -5.25
N LEU D 13 -8.46 21.95 -5.43
CA LEU D 13 -9.52 21.61 -6.37
C LEU D 13 -10.88 22.08 -5.87
N THR D 14 -11.77 22.45 -6.78
CA THR D 14 -13.11 22.85 -6.35
C THR D 14 -13.83 21.53 -6.02
N VAL D 15 -15.02 21.63 -5.43
CA VAL D 15 -15.76 20.44 -5.06
C VAL D 15 -16.18 19.71 -6.33
N SER D 16 -16.32 20.44 -7.44
CA SER D 16 -16.70 19.81 -8.71
C SER D 16 -15.48 19.13 -9.34
N GLU D 17 -14.30 19.70 -9.13
CA GLU D 17 -13.07 19.12 -9.66
C GLU D 17 -12.72 17.84 -8.89
N LEU D 18 -12.81 17.88 -7.55
CA LEU D 18 -12.54 16.71 -6.70
C LEU D 18 -13.44 15.56 -7.15
N ALA D 19 -14.70 15.90 -7.41
CA ALA D 19 -15.69 14.92 -7.85
C ALA D 19 -15.32 14.38 -9.22
N GLU D 20 -14.73 15.22 -10.07
CA GLU D 20 -14.35 14.76 -11.39
C GLU D 20 -13.12 13.85 -11.32
N LEU D 21 -12.23 14.13 -10.37
CA LEU D 21 -11.05 13.33 -10.16
C LEU D 21 -11.53 11.96 -9.71
N VAL D 22 -12.38 11.97 -8.69
CA VAL D 22 -12.95 10.76 -8.12
C VAL D 22 -13.65 9.93 -9.21
N LYS D 23 -14.53 10.57 -9.97
CA LYS D 23 -15.28 9.87 -11.01
C LYS D 23 -14.34 9.19 -12.00
N LYS D 24 -13.32 9.91 -12.45
CA LYS D 24 -12.36 9.36 -13.40
C LYS D 24 -11.57 8.16 -12.89
N LEU D 25 -11.01 8.28 -11.70
CA LEU D 25 -10.23 7.19 -11.13
C LEU D 25 -11.06 5.94 -11.01
N GLU D 26 -12.24 6.06 -10.42
CA GLU D 26 -13.12 4.92 -10.24
C GLU D 26 -13.46 4.31 -11.58
N ASP D 27 -13.73 5.17 -12.55
CA ASP D 27 -14.05 4.77 -13.91
C ASP D 27 -12.91 3.93 -14.48
N LYS D 28 -11.73 4.52 -14.56
CA LYS D 28 -10.57 3.83 -15.10
C LYS D 28 -10.24 2.54 -14.43
N PHE D 29 -10.64 2.36 -13.17
CA PHE D 29 -10.31 1.09 -12.54
C PHE D 29 -11.51 0.20 -12.37
N GLY D 30 -12.54 0.48 -13.18
CA GLY D 30 -13.76 -0.31 -13.16
C GLY D 30 -14.49 -0.36 -11.83
N VAL D 31 -14.78 0.80 -11.25
CA VAL D 31 -15.50 0.83 -9.99
C VAL D 31 -17.00 1.05 -10.22
N THR D 32 -17.80 0.47 -9.33
CA THR D 32 -19.26 0.55 -9.40
C THR D 32 -19.80 1.15 -8.10
#